data_1SQH
#
_entry.id   1SQH
#
_cell.length_a   82.806
_cell.length_b   82.806
_cell.length_c   279.003
_cell.angle_alpha   90.00
_cell.angle_beta   90.00
_cell.angle_gamma   120.00
#
_symmetry.space_group_name_H-M   'H 3 2'
#
loop_
_entity.id
_entity.type
_entity.pdbx_description
1 polymer 'hypothetical protein CG14615-PA'
2 water water
#
_entity_poly.entity_id   1
_entity_poly.type   'polypeptide(L)'
_entity_poly.pdbx_seq_one_letter_code
;MSSDKNGDILRPLSDSEVDELLDLYKVKFGIRNFHYLLLYNQRKWDRQLSEAQIPRNDLNHISLRKQFYTHRRGNFRTWG
TYVSLHRDIVQSVSFFSWQPDGAAELWECLEQTQLIEWTQGALLTNVDLGFCNRVKELAVSRGVTAIQPRQCFG(MSE)V
LSHEDAFCAKVPDLPSEFEIRRLRAEDAA(MSE)VHDSWPNKGEGSLTYLQALVRFNKSLGICRSDTGELIAWIFQNDFS
GLG(MSE)LQVLPKAERRGLGGLLAAA(MSE)SREIARGEEITLTAWIVATNWRSEALLKRIGYQKDLVNEWIKLVPNSS
LEHHHHHH
;
_entity_poly.pdbx_strand_id   A
#
# COMPACT_ATOMS: atom_id res chain seq x y z
N GLY A 7 -11.93 17.67 -21.53
CA GLY A 7 -10.72 17.82 -20.67
C GLY A 7 -9.70 16.71 -20.86
N ASP A 8 -8.95 16.40 -19.82
CA ASP A 8 -7.92 15.36 -19.87
C ASP A 8 -8.49 14.02 -20.31
N ILE A 9 -7.67 13.19 -20.93
CA ILE A 9 -8.13 11.88 -21.38
C ILE A 9 -8.58 11.03 -20.18
N LEU A 10 -8.18 11.44 -18.98
CA LEU A 10 -8.57 10.74 -17.77
C LEU A 10 -9.82 11.42 -17.17
N ARG A 11 -10.86 10.63 -16.91
CA ARG A 11 -12.06 11.18 -16.33
C ARG A 11 -12.26 10.64 -14.93
N PRO A 12 -12.46 11.54 -13.95
CA PRO A 12 -12.65 11.14 -12.56
C PRO A 12 -13.89 10.30 -12.33
N LEU A 13 -13.71 9.11 -11.74
CA LEU A 13 -14.85 8.25 -11.46
C LEU A 13 -15.54 8.74 -10.21
N SER A 14 -16.86 8.62 -10.20
CA SER A 14 -17.65 9.01 -9.04
C SER A 14 -17.46 7.92 -8.00
N ASP A 15 -17.95 8.15 -6.80
CA ASP A 15 -17.82 7.16 -5.74
C ASP A 15 -18.56 5.88 -6.15
N SER A 16 -19.70 6.06 -6.81
CA SER A 16 -20.52 4.94 -7.28
C SER A 16 -19.77 4.11 -8.31
N GLU A 17 -19.01 4.78 -9.16
CA GLU A 17 -18.24 4.12 -10.20
C GLU A 17 -17.05 3.35 -9.62
N VAL A 18 -16.42 3.91 -8.61
CA VAL A 18 -15.28 3.25 -7.97
C VAL A 18 -15.83 1.96 -7.39
N ASP A 19 -16.97 2.06 -6.72
CA ASP A 19 -17.58 0.89 -6.14
C ASP A 19 -17.77 -0.20 -7.20
N GLU A 20 -18.21 0.19 -8.40
CA GLU A 20 -18.39 -0.78 -9.47
C GLU A 20 -17.02 -1.32 -9.88
N LEU A 21 -16.04 -0.44 -9.92
CA LEU A 21 -14.69 -0.85 -10.30
C LEU A 21 -14.19 -1.90 -9.30
N LEU A 22 -14.51 -1.69 -8.03
CA LEU A 22 -14.14 -2.60 -6.96
C LEU A 22 -14.74 -4.00 -7.15
N ASP A 23 -16.04 -4.07 -7.46
CA ASP A 23 -16.66 -5.38 -7.65
C ASP A 23 -16.23 -6.06 -8.94
N LEU A 24 -15.88 -5.25 -9.94
CA LEU A 24 -15.42 -5.81 -11.21
C LEU A 24 -14.15 -6.60 -10.95
N TYR A 25 -13.23 -6.00 -10.20
CA TYR A 25 -12.00 -6.70 -9.90
C TYR A 25 -12.31 -7.86 -8.99
N LYS A 26 -13.24 -7.68 -8.05
CA LYS A 26 -13.60 -8.77 -7.15
C LYS A 26 -14.06 -9.99 -7.96
N VAL A 27 -14.95 -9.75 -8.92
CA VAL A 27 -15.46 -10.85 -9.75
C VAL A 27 -14.38 -11.41 -10.66
N LYS A 28 -13.71 -10.53 -11.41
CA LYS A 28 -12.67 -10.92 -12.35
C LYS A 28 -11.47 -11.68 -11.79
N PHE A 29 -10.91 -11.21 -10.68
CA PHE A 29 -9.72 -11.86 -10.13
C PHE A 29 -9.82 -12.51 -8.78
N GLY A 30 -10.88 -12.22 -8.04
CA GLY A 30 -11.01 -12.83 -6.73
C GLY A 30 -10.47 -11.97 -5.60
N ILE A 31 -10.81 -12.37 -4.39
CA ILE A 31 -10.42 -11.69 -3.16
C ILE A 31 -8.92 -11.54 -2.84
N ARG A 32 -8.06 -12.24 -3.57
CA ARG A 32 -6.62 -12.17 -3.30
C ARG A 32 -5.87 -11.19 -4.19
N ASN A 33 -6.57 -10.64 -5.15
CA ASN A 33 -5.99 -9.69 -6.10
C ASN A 33 -5.63 -8.35 -5.45
N PHE A 34 -4.41 -7.88 -5.69
CA PHE A 34 -3.95 -6.62 -5.10
C PHE A 34 -4.65 -5.34 -5.53
N HIS A 35 -5.19 -5.31 -6.75
CA HIS A 35 -5.88 -4.12 -7.18
C HIS A 35 -7.22 -4.11 -6.48
N TYR A 36 -7.79 -5.30 -6.29
CA TYR A 36 -9.04 -5.38 -5.56
C TYR A 36 -8.77 -4.89 -4.12
N LEU A 37 -7.66 -5.33 -3.54
CA LEU A 37 -7.32 -4.94 -2.17
C LEU A 37 -7.15 -3.44 -2.03
N LEU A 38 -6.49 -2.85 -3.03
CA LEU A 38 -6.26 -1.42 -3.07
C LEU A 38 -7.62 -0.70 -3.12
N LEU A 39 -8.50 -1.16 -4.01
CA LEU A 39 -9.83 -0.57 -4.16
C LEU A 39 -10.63 -0.80 -2.88
N TYR A 40 -10.59 -2.02 -2.39
CA TYR A 40 -11.27 -2.37 -1.16
C TYR A 40 -10.78 -1.46 -0.02
N ASN A 41 -9.47 -1.33 0.11
CA ASN A 41 -8.91 -0.51 1.15
C ASN A 41 -9.33 0.95 1.09
N GLN A 42 -9.19 1.56 -0.10
CA GLN A 42 -9.53 2.96 -0.25
C GLN A 42 -10.98 3.23 0.13
N ARG A 43 -11.90 2.45 -0.41
CA ARG A 43 -13.31 2.63 -0.08
C ARG A 43 -13.57 2.42 1.41
N LYS A 44 -12.78 1.55 2.05
CA LYS A 44 -12.97 1.33 3.48
C LYS A 44 -12.64 2.64 4.20
N TRP A 45 -11.51 3.25 3.82
CA TRP A 45 -11.10 4.52 4.41
C TRP A 45 -12.10 5.63 4.09
N ASP A 46 -12.56 5.67 2.83
CA ASP A 46 -13.52 6.68 2.40
C ASP A 46 -14.71 6.67 3.36
N ARG A 47 -15.23 5.48 3.64
CA ARG A 47 -16.37 5.33 4.54
C ARG A 47 -16.05 5.90 5.93
N GLN A 48 -14.93 5.47 6.51
CA GLN A 48 -14.51 5.93 7.84
C GLN A 48 -14.32 7.44 7.91
N LEU A 49 -13.44 7.96 7.06
CA LEU A 49 -13.15 9.39 7.03
C LEU A 49 -14.42 10.20 6.86
N SER A 50 -15.41 9.60 6.20
CA SER A 50 -16.70 10.26 5.97
C SER A 50 -17.43 10.38 7.31
N GLU A 51 -17.65 9.24 7.97
CA GLU A 51 -18.33 9.21 9.25
C GLU A 51 -17.59 10.07 10.28
N ALA A 52 -16.30 10.27 10.06
CA ALA A 52 -15.48 11.07 10.97
C ALA A 52 -15.59 12.54 10.56
N GLN A 53 -16.60 12.83 9.74
CA GLN A 53 -16.86 14.17 9.25
C GLN A 53 -15.60 14.99 8.94
N ILE A 54 -14.69 14.38 8.19
CA ILE A 54 -13.44 15.05 7.80
C ILE A 54 -13.54 15.52 6.34
N PRO A 55 -13.54 16.85 6.14
CA PRO A 55 -13.64 17.35 4.76
C PRO A 55 -12.60 16.74 3.82
N ARG A 56 -13.04 16.35 2.63
CA ARG A 56 -12.12 15.78 1.66
C ARG A 56 -11.08 16.86 1.35
N ASN A 57 -9.93 16.42 0.84
CA ASN A 57 -8.87 17.35 0.53
C ASN A 57 -8.26 17.93 1.81
N ASP A 58 -8.75 17.48 2.97
CA ASP A 58 -8.19 17.93 4.25
C ASP A 58 -6.70 17.63 4.17
N LEU A 59 -5.89 18.68 4.25
CA LEU A 59 -4.44 18.52 4.14
C LEU A 59 -3.76 17.45 5.02
N ASN A 60 -4.19 17.29 6.27
CA ASN A 60 -3.51 16.29 7.10
C ASN A 60 -4.13 14.88 7.07
N HIS A 61 -4.97 14.62 6.07
CA HIS A 61 -5.57 13.30 5.90
C HIS A 61 -5.59 12.94 4.42
N ILE A 62 -5.07 13.82 3.56
CA ILE A 62 -5.05 13.55 2.14
C ILE A 62 -4.33 12.26 1.78
N SER A 63 -3.36 11.87 2.60
CA SER A 63 -2.59 10.65 2.35
C SER A 63 -3.52 9.43 2.42
N LEU A 64 -4.70 9.60 2.99
CA LEU A 64 -5.70 8.54 3.10
C LEU A 64 -6.76 8.63 2.00
N ARG A 65 -6.49 9.43 0.97
CA ARG A 65 -7.42 9.60 -0.14
C ARG A 65 -6.80 9.20 -1.47
N LYS A 66 -7.66 8.93 -2.45
CA LYS A 66 -7.20 8.58 -3.80
C LYS A 66 -8.25 9.04 -4.79
N GLN A 67 -7.82 9.44 -5.97
CA GLN A 67 -8.76 9.87 -7.00
C GLN A 67 -8.60 8.92 -8.17
N PHE A 68 -9.64 8.15 -8.44
CA PHE A 68 -9.62 7.17 -9.51
C PHE A 68 -10.08 7.78 -10.82
N TYR A 69 -9.48 7.34 -11.93
CA TYR A 69 -9.84 7.84 -13.24
C TYR A 69 -9.92 6.73 -14.27
N THR A 70 -10.55 7.00 -15.42
CA THR A 70 -10.59 6.03 -16.49
C THR A 70 -10.59 6.79 -17.79
N HIS A 71 -10.42 6.08 -18.90
CA HIS A 71 -10.40 6.71 -20.22
C HIS A 71 -11.73 7.44 -20.42
N ARG A 72 -11.66 8.76 -20.56
CA ARG A 72 -12.85 9.61 -20.73
C ARG A 72 -13.78 9.15 -21.86
N ARG A 73 -13.24 8.44 -22.84
CA ARG A 73 -14.05 7.95 -23.95
C ARG A 73 -14.04 6.42 -24.01
N GLY A 74 -13.94 5.79 -22.84
CA GLY A 74 -13.95 4.34 -22.79
C GLY A 74 -14.86 3.86 -21.68
N ASN A 75 -15.10 2.55 -21.61
CA ASN A 75 -15.95 2.02 -20.55
C ASN A 75 -15.05 1.31 -19.53
N PHE A 76 -14.97 1.85 -18.32
CA PHE A 76 -14.11 1.26 -17.32
C PHE A 76 -14.49 -0.18 -16.99
N ARG A 77 -15.68 -0.59 -17.39
CA ARG A 77 -16.16 -1.95 -17.11
C ARG A 77 -15.65 -3.04 -18.05
N THR A 78 -15.43 -2.73 -19.32
CA THR A 78 -14.99 -3.75 -20.26
C THR A 78 -13.60 -4.30 -19.97
N TRP A 79 -12.65 -3.44 -19.61
CA TRP A 79 -11.28 -3.89 -19.34
C TRP A 79 -10.75 -3.53 -17.95
N GLY A 80 -11.62 -2.92 -17.14
CA GLY A 80 -11.23 -2.52 -15.80
C GLY A 80 -10.12 -1.47 -15.80
N THR A 81 -9.98 -0.76 -16.92
CA THR A 81 -8.94 0.25 -17.07
C THR A 81 -9.08 1.41 -16.08
N TYR A 82 -8.06 1.60 -15.26
CA TYR A 82 -8.11 2.69 -14.29
C TYR A 82 -6.73 3.23 -13.97
N VAL A 83 -6.73 4.43 -13.41
CA VAL A 83 -5.50 5.09 -13.01
C VAL A 83 -5.93 5.85 -11.78
N SER A 84 -5.19 5.67 -10.70
CA SER A 84 -5.48 6.38 -9.46
C SER A 84 -4.33 7.34 -9.18
N LEU A 85 -4.67 8.47 -8.54
CA LEU A 85 -3.69 9.47 -8.17
C LEU A 85 -3.79 9.71 -6.67
N HIS A 86 -2.64 9.61 -6.01
CA HIS A 86 -2.52 9.79 -4.56
C HIS A 86 -1.53 10.90 -4.21
N ARG A 87 -1.79 11.59 -3.10
CA ARG A 87 -0.92 12.68 -2.69
C ARG A 87 -0.49 12.62 -1.23
N ASP A 88 0.80 12.79 -0.99
CA ASP A 88 1.37 12.85 0.35
C ASP A 88 2.58 13.78 0.25
N ILE A 89 3.77 13.22 -0.01
CA ILE A 89 4.95 14.05 -0.19
C ILE A 89 5.04 14.33 -1.69
N VAL A 90 4.93 13.26 -2.47
CA VAL A 90 4.94 13.35 -3.93
C VAL A 90 3.63 12.77 -4.43
N GLN A 91 3.52 12.57 -5.75
CA GLN A 91 2.33 12.00 -6.33
C GLN A 91 2.60 10.51 -6.56
N SER A 92 1.65 9.68 -6.19
CA SER A 92 1.79 8.23 -6.38
C SER A 92 0.73 7.81 -7.38
N VAL A 93 1.14 7.00 -8.36
CA VAL A 93 0.23 6.53 -9.39
C VAL A 93 0.13 5.01 -9.42
N SER A 94 -1.10 4.54 -9.55
CA SER A 94 -1.39 3.11 -9.66
C SER A 94 -2.26 2.97 -10.89
N PHE A 95 -2.14 1.85 -11.59
CA PHE A 95 -2.94 1.63 -12.78
C PHE A 95 -2.94 0.17 -13.23
N PHE A 96 -4.00 -0.20 -13.93
CA PHE A 96 -4.15 -1.54 -14.46
C PHE A 96 -5.25 -1.58 -15.50
N SER A 97 -5.27 -2.68 -16.24
CA SER A 97 -6.26 -2.95 -17.27
C SER A 97 -5.94 -4.35 -17.72
N TRP A 98 -6.97 -5.10 -18.13
CA TRP A 98 -6.72 -6.45 -18.59
C TRP A 98 -7.01 -6.65 -20.05
N GLN A 99 -6.92 -5.57 -20.83
CA GLN A 99 -7.15 -5.65 -22.25
C GLN A 99 -6.07 -6.60 -22.80
N PRO A 100 -6.49 -7.72 -23.41
CA PRO A 100 -5.70 -8.81 -24.00
C PRO A 100 -4.53 -8.55 -24.95
N ASP A 101 -4.36 -7.34 -25.47
CA ASP A 101 -3.24 -7.14 -26.39
C ASP A 101 -2.55 -5.78 -26.31
N GLY A 102 -1.56 -5.68 -25.44
CA GLY A 102 -0.84 -4.43 -25.28
C GLY A 102 -1.58 -3.42 -24.45
N ALA A 103 -2.83 -3.73 -24.10
CA ALA A 103 -3.64 -2.82 -23.30
C ALA A 103 -3.59 -1.41 -23.87
N ALA A 104 -4.00 -1.28 -25.13
CA ALA A 104 -4.00 0.01 -25.82
C ALA A 104 -4.71 1.11 -25.03
N GLU A 105 -5.94 0.83 -24.61
CA GLU A 105 -6.73 1.79 -23.85
C GLU A 105 -5.96 2.40 -22.68
N LEU A 106 -5.26 1.55 -21.93
CA LEU A 106 -4.49 2.01 -20.79
C LEU A 106 -3.38 2.97 -21.20
N TRP A 107 -2.53 2.54 -22.13
CA TRP A 107 -1.42 3.37 -22.56
C TRP A 107 -1.88 4.64 -23.26
N GLU A 108 -3.08 4.60 -23.82
CA GLU A 108 -3.62 5.79 -24.45
C GLU A 108 -3.79 6.78 -23.29
N CYS A 109 -4.29 6.27 -22.17
CA CYS A 109 -4.49 7.07 -20.97
C CYS A 109 -3.19 7.62 -20.41
N LEU A 110 -2.24 6.72 -20.14
CA LEU A 110 -0.97 7.13 -19.55
C LEU A 110 -0.15 8.08 -20.42
N GLU A 111 -0.21 7.90 -21.73
CA GLU A 111 0.55 8.73 -22.66
C GLU A 111 -0.10 10.09 -22.97
N GLN A 112 -1.43 10.11 -23.07
CA GLN A 112 -2.13 11.35 -23.41
C GLN A 112 -2.51 12.26 -22.25
N THR A 113 -2.42 11.76 -21.03
CA THR A 113 -2.79 12.55 -19.86
C THR A 113 -1.71 13.55 -19.46
N GLN A 114 -2.12 14.54 -18.67
CA GLN A 114 -1.20 15.55 -18.19
C GLN A 114 -1.43 15.71 -16.70
N LEU A 115 -2.09 14.74 -16.09
CA LEU A 115 -2.35 14.79 -14.66
C LEU A 115 -1.21 14.16 -13.86
N ILE A 116 -0.33 13.44 -14.56
CA ILE A 116 0.80 12.76 -13.94
C ILE A 116 2.05 13.64 -13.94
N GLU A 117 2.73 13.71 -12.81
CA GLU A 117 3.92 14.52 -12.67
C GLU A 117 5.21 13.76 -12.98
N TRP A 118 5.37 13.41 -14.25
CA TRP A 118 6.53 12.66 -14.74
C TRP A 118 7.85 13.30 -14.39
N THR A 119 7.83 14.63 -14.31
CA THR A 119 9.02 15.41 -14.03
C THR A 119 9.18 15.88 -12.59
N GLN A 120 8.13 15.71 -11.79
CA GLN A 120 8.16 16.16 -10.41
C GLN A 120 8.32 15.08 -9.35
N GLY A 121 9.05 14.01 -9.69
CA GLY A 121 9.29 12.93 -8.76
C GLY A 121 8.13 11.99 -8.44
N ALA A 122 7.20 11.82 -9.38
CA ALA A 122 6.05 10.94 -9.16
C ALA A 122 6.46 9.49 -8.88
N LEU A 123 5.75 8.84 -7.97
CA LEU A 123 6.04 7.45 -7.63
C LEU A 123 5.02 6.49 -8.24
N LEU A 124 5.50 5.54 -9.04
CA LEU A 124 4.63 4.56 -9.67
C LEU A 124 4.58 3.34 -8.75
N THR A 125 3.42 3.10 -8.14
CA THR A 125 3.25 1.99 -7.19
C THR A 125 2.62 0.72 -7.76
N ASN A 126 3.01 -0.42 -7.20
CA ASN A 126 2.50 -1.73 -7.62
C ASN A 126 2.33 -1.89 -9.14
N VAL A 127 3.40 -1.63 -9.88
CA VAL A 127 3.38 -1.74 -11.35
C VAL A 127 3.60 -3.18 -11.81
N ASP A 128 2.68 -3.65 -12.64
CA ASP A 128 2.76 -5.03 -13.17
C ASP A 128 4.02 -5.15 -14.01
N LEU A 129 4.66 -6.32 -13.95
CA LEU A 129 5.89 -6.55 -14.69
C LEU A 129 5.74 -6.29 -16.19
N GLY A 130 4.52 -6.44 -16.71
CA GLY A 130 4.30 -6.23 -18.12
C GLY A 130 4.16 -4.79 -18.54
N PHE A 131 4.12 -3.88 -17.56
CA PHE A 131 3.99 -2.45 -17.85
C PHE A 131 5.27 -1.71 -17.51
N CYS A 132 6.15 -2.35 -16.75
CA CYS A 132 7.38 -1.71 -16.32
C CYS A 132 8.28 -1.09 -17.40
N ASN A 133 8.70 -1.88 -18.39
CA ASN A 133 9.59 -1.37 -19.42
C ASN A 133 8.98 -0.20 -20.19
N ARG A 134 7.77 -0.41 -20.71
CA ARG A 134 7.12 0.63 -21.47
C ARG A 134 6.91 1.91 -20.66
N VAL A 135 6.48 1.77 -19.41
CA VAL A 135 6.25 2.97 -18.61
C VAL A 135 7.55 3.74 -18.33
N LYS A 136 8.67 3.02 -18.27
CA LYS A 136 9.94 3.69 -18.02
C LYS A 136 10.36 4.47 -19.28
N GLU A 137 10.06 3.91 -20.45
CA GLU A 137 10.38 4.56 -21.72
C GLU A 137 9.59 5.86 -21.80
N LEU A 138 8.31 5.77 -21.43
CA LEU A 138 7.43 6.93 -21.42
C LEU A 138 8.00 8.00 -20.50
N ALA A 139 8.39 7.60 -19.28
CA ALA A 139 8.95 8.55 -18.33
C ALA A 139 10.10 9.33 -18.96
N VAL A 140 10.95 8.62 -19.69
CA VAL A 140 12.08 9.22 -20.35
C VAL A 140 11.62 10.15 -21.47
N SER A 141 10.63 9.70 -22.23
CA SER A 141 10.10 10.50 -23.33
C SER A 141 9.47 11.79 -22.81
N ARG A 142 9.30 11.88 -21.50
CA ARG A 142 8.70 13.06 -20.90
C ARG A 142 9.67 13.88 -20.08
N GLY A 143 10.96 13.58 -20.21
CA GLY A 143 11.96 14.33 -19.48
C GLY A 143 12.71 13.68 -18.32
N VAL A 144 12.29 12.51 -17.88
CA VAL A 144 12.97 11.86 -16.76
C VAL A 144 14.39 11.46 -17.16
N THR A 145 15.37 11.82 -16.34
CA THR A 145 16.76 11.50 -16.63
C THR A 145 17.36 10.47 -15.69
N ALA A 146 16.62 10.15 -14.64
CA ALA A 146 17.08 9.16 -13.66
C ALA A 146 15.88 8.51 -12.96
N ILE A 147 15.89 7.18 -12.94
CA ILE A 147 14.82 6.41 -12.33
C ILE A 147 15.37 5.44 -11.29
N GLN A 148 14.59 5.21 -10.23
CA GLN A 148 14.98 4.31 -9.15
C GLN A 148 13.91 3.23 -8.98
N PRO A 149 14.02 2.13 -9.71
CA PRO A 149 13.02 1.07 -9.59
C PRO A 149 13.44 0.01 -8.58
N ARG A 150 12.47 -0.69 -7.99
CA ARG A 150 12.78 -1.76 -7.05
C ARG A 150 11.69 -2.82 -7.11
N GLN A 151 12.12 -4.07 -7.05
CA GLN A 151 11.19 -5.19 -7.10
C GLN A 151 10.63 -5.54 -5.73
N CYS A 152 9.31 -5.73 -5.68
CA CYS A 152 8.64 -6.06 -4.44
C CYS A 152 7.83 -7.34 -4.59
N PHE A 153 7.84 -8.17 -3.55
CA PHE A 153 7.06 -9.40 -3.58
C PHE A 153 5.73 -9.16 -2.90
N GLY A 154 4.66 -9.60 -3.56
CA GLY A 154 3.33 -9.48 -2.98
C GLY A 154 3.06 -10.80 -2.26
N MSE A 155 3.20 -10.82 -0.93
CA MSE A 155 2.98 -12.03 -0.14
C MSE A 155 1.50 -12.12 0.26
O MSE A 155 0.90 -11.13 0.67
CB MSE A 155 3.85 -12.03 1.12
CG MSE A 155 4.80 -13.24 1.20
SE MSE A 155 6.15 -13.07 -0.17
CE MSE A 155 6.37 -11.16 0.04
N VAL A 156 0.92 -13.32 0.14
CA VAL A 156 -0.50 -13.54 0.44
C VAL A 156 -0.82 -14.65 1.43
N LEU A 157 -1.78 -14.37 2.31
CA LEU A 157 -2.24 -15.32 3.31
C LEU A 157 -3.75 -15.26 3.33
N SER A 158 -4.41 -16.41 3.15
CA SER A 158 -5.86 -16.44 3.13
C SER A 158 -6.47 -15.89 4.42
N HIS A 159 -7.71 -15.44 4.34
CA HIS A 159 -8.37 -14.92 5.51
C HIS A 159 -8.54 -16.04 6.54
N GLU A 160 -9.02 -17.20 6.08
CA GLU A 160 -9.22 -18.34 6.97
C GLU A 160 -7.92 -18.64 7.73
N ASP A 161 -6.80 -18.69 7.01
CA ASP A 161 -5.54 -18.97 7.67
C ASP A 161 -5.20 -17.88 8.67
N ALA A 162 -5.36 -16.62 8.26
CA ALA A 162 -5.07 -15.50 9.13
C ALA A 162 -6.00 -15.53 10.35
N PHE A 163 -7.27 -15.84 10.11
CA PHE A 163 -8.27 -15.89 11.18
C PHE A 163 -7.94 -16.91 12.27
N CYS A 164 -7.48 -18.09 11.85
CA CYS A 164 -7.15 -19.17 12.77
C CYS A 164 -5.66 -19.27 13.05
N ALA A 165 -4.91 -18.23 12.71
CA ALA A 165 -3.46 -18.24 12.93
C ALA A 165 -3.08 -18.27 14.40
N LYS A 166 -1.92 -18.85 14.70
CA LYS A 166 -1.43 -18.91 16.07
C LYS A 166 -0.55 -17.67 16.24
N VAL A 167 -0.32 -17.27 17.49
CA VAL A 167 0.50 -16.10 17.76
C VAL A 167 1.43 -16.39 18.92
N PRO A 168 2.74 -16.13 18.74
CA PRO A 168 3.78 -16.36 19.75
C PRO A 168 3.53 -15.63 21.06
N ASP A 169 4.27 -16.04 22.10
CA ASP A 169 4.15 -15.41 23.40
C ASP A 169 5.15 -14.28 23.53
N LEU A 170 4.69 -13.19 24.14
CA LEU A 170 5.52 -12.01 24.34
C LEU A 170 6.36 -12.08 25.61
N PRO A 171 7.69 -11.94 25.47
CA PRO A 171 8.60 -11.99 26.63
C PRO A 171 8.28 -10.93 27.70
N SER A 172 8.41 -11.34 28.97
CA SER A 172 8.14 -10.47 30.12
C SER A 172 8.72 -9.07 29.98
N GLU A 173 9.90 -8.97 29.38
CA GLU A 173 10.55 -7.68 29.21
C GLU A 173 9.70 -6.69 28.41
N PHE A 174 8.74 -7.19 27.65
CA PHE A 174 7.91 -6.34 26.81
C PHE A 174 6.39 -6.35 27.00
N GLU A 175 5.75 -5.31 26.45
CA GLU A 175 4.30 -5.13 26.46
C GLU A 175 3.84 -4.79 25.04
N ILE A 176 2.61 -5.16 24.70
CA ILE A 176 2.07 -4.87 23.38
C ILE A 176 0.87 -3.95 23.51
N ARG A 177 0.76 -2.99 22.59
CA ARG A 177 -0.36 -2.06 22.59
C ARG A 177 -0.49 -1.44 21.21
N ARG A 178 -1.65 -0.87 20.92
CA ARG A 178 -1.87 -0.21 19.64
C ARG A 178 -0.99 1.04 19.73
N LEU A 179 -0.47 1.49 18.60
CA LEU A 179 0.37 2.67 18.59
C LEU A 179 -0.50 3.90 18.86
N ARG A 180 0.13 5.01 19.23
CA ARG A 180 -0.60 6.25 19.47
C ARG A 180 0.14 7.33 18.70
N ALA A 181 -0.52 8.47 18.50
CA ALA A 181 0.05 9.57 17.74
C ALA A 181 1.51 9.87 18.05
N GLU A 182 1.85 9.95 19.32
CA GLU A 182 3.23 10.24 19.74
C GLU A 182 4.24 9.25 19.18
N ASP A 183 3.77 8.04 18.89
CA ASP A 183 4.64 6.98 18.37
C ASP A 183 5.09 7.22 16.93
N ALA A 184 4.24 7.87 16.15
CA ALA A 184 4.53 8.13 14.75
C ALA A 184 5.92 8.67 14.42
N ALA A 185 6.37 9.67 15.17
CA ALA A 185 7.67 10.27 14.92
C ALA A 185 8.84 9.30 15.11
N MSE A 186 8.73 8.39 16.07
CA MSE A 186 9.79 7.43 16.32
C MSE A 186 9.86 6.43 15.17
O MSE A 186 10.95 6.17 14.64
CB MSE A 186 9.54 6.70 17.65
CG MSE A 186 9.25 7.64 18.83
SE MSE A 186 10.58 9.05 19.10
CE MSE A 186 9.58 10.57 18.47
N VAL A 187 8.72 5.87 14.79
CA VAL A 187 8.69 4.92 13.68
C VAL A 187 9.21 5.57 12.40
N HIS A 188 8.91 6.85 12.22
CA HIS A 188 9.34 7.57 11.03
C HIS A 188 10.84 7.86 11.05
N ASP A 189 11.40 8.03 12.25
CA ASP A 189 12.83 8.32 12.38
C ASP A 189 13.72 7.15 12.02
N SER A 190 13.19 5.93 12.09
CA SER A 190 13.98 4.75 11.77
C SER A 190 13.94 4.39 10.30
N TRP A 191 13.34 5.26 9.49
CA TRP A 191 13.26 5.06 8.05
C TRP A 191 14.53 5.60 7.40
N PRO A 192 15.25 4.76 6.64
CA PRO A 192 16.48 5.20 5.99
C PRO A 192 16.26 6.07 4.76
N ASN A 193 15.29 5.71 3.93
CA ASN A 193 15.01 6.49 2.73
C ASN A 193 13.59 7.04 2.77
N LYS A 194 13.31 7.72 3.87
CA LYS A 194 12.01 8.34 4.13
C LYS A 194 11.73 9.52 3.20
N GLY A 195 11.07 9.25 2.08
CA GLY A 195 10.76 10.30 1.12
C GLY A 195 9.47 9.96 0.38
N GLU A 196 8.88 8.83 0.72
CA GLU A 196 7.65 8.36 0.09
C GLU A 196 6.48 8.47 1.05
N GLY A 197 6.78 8.39 2.34
CA GLY A 197 5.75 8.48 3.37
C GLY A 197 6.09 9.60 4.32
N SER A 198 5.10 10.41 4.68
CA SER A 198 5.32 11.54 5.57
C SER A 198 4.92 11.23 7.02
N LEU A 199 5.37 12.08 7.93
CA LEU A 199 5.08 11.94 9.35
C LEU A 199 3.56 12.01 9.54
N THR A 200 2.94 12.96 8.85
CA THR A 200 1.50 13.15 8.96
C THR A 200 0.73 11.97 8.36
N TYR A 201 1.31 11.29 7.38
CA TYR A 201 0.67 10.10 6.80
C TYR A 201 0.64 9.06 7.91
N LEU A 202 1.79 8.84 8.54
CA LEU A 202 1.87 7.87 9.64
C LEU A 202 0.87 8.21 10.75
N GLN A 203 0.71 9.50 11.05
CA GLN A 203 -0.22 9.92 12.09
C GLN A 203 -1.67 9.60 11.70
N ALA A 204 -1.97 9.67 10.40
CA ALA A 204 -3.31 9.34 9.92
C ALA A 204 -3.54 7.83 10.08
N LEU A 205 -2.51 7.04 9.76
CA LEU A 205 -2.57 5.59 9.85
C LEU A 205 -2.75 5.07 11.29
N VAL A 206 -2.10 5.72 12.26
CA VAL A 206 -2.25 5.25 13.63
C VAL A 206 -3.67 5.57 14.06
N ARG A 207 -4.27 6.56 13.43
CA ARG A 207 -5.63 6.96 13.78
C ARG A 207 -6.73 6.10 13.16
N PHE A 208 -6.65 5.89 11.84
CA PHE A 208 -7.68 5.13 11.12
C PHE A 208 -7.38 3.68 10.77
N ASN A 209 -6.12 3.26 10.92
CA ASN A 209 -5.74 1.89 10.61
C ASN A 209 -5.33 1.17 11.88
N LYS A 210 -5.21 -0.16 11.82
CA LYS A 210 -4.75 -0.91 12.99
C LYS A 210 -3.22 -0.83 13.03
N SER A 211 -2.66 -0.94 14.22
CA SER A 211 -1.21 -0.89 14.41
C SER A 211 -0.85 -1.64 15.69
N LEU A 212 0.42 -2.00 15.84
CA LEU A 212 0.88 -2.70 17.03
C LEU A 212 2.30 -2.30 17.39
N GLY A 213 2.53 -2.03 18.67
CA GLY A 213 3.84 -1.66 19.10
C GLY A 213 4.30 -2.50 20.28
N ILE A 214 5.61 -2.71 20.37
CA ILE A 214 6.22 -3.47 21.45
C ILE A 214 7.05 -2.50 22.33
N CYS A 215 6.67 -2.37 23.60
CA CYS A 215 7.40 -1.49 24.49
C CYS A 215 7.95 -2.24 25.70
N ARG A 216 9.08 -1.77 26.22
CA ARG A 216 9.70 -2.40 27.38
C ARG A 216 8.81 -2.09 28.58
N SER A 217 8.51 -3.10 29.39
CA SER A 217 7.68 -2.87 30.56
C SER A 217 8.28 -1.80 31.47
N ASP A 218 9.61 -1.73 31.50
CA ASP A 218 10.30 -0.74 32.31
C ASP A 218 10.15 0.67 31.75
N THR A 219 11.14 1.11 30.99
CA THR A 219 11.15 2.44 30.39
C THR A 219 9.89 2.75 29.56
N GLY A 220 9.26 1.72 29.02
CA GLY A 220 8.08 1.93 28.20
C GLY A 220 8.44 2.36 26.80
N GLU A 221 9.75 2.34 26.51
CA GLU A 221 10.30 2.72 25.22
C GLU A 221 9.85 1.84 24.05
N LEU A 222 9.22 2.45 23.05
CA LEU A 222 8.75 1.72 21.86
C LEU A 222 9.98 1.09 21.21
N ILE A 223 9.96 -0.23 21.03
CA ILE A 223 11.13 -0.89 20.48
C ILE A 223 10.92 -1.66 19.18
N ALA A 224 9.66 -1.87 18.82
CA ALA A 224 9.29 -2.59 17.59
C ALA A 224 7.83 -2.28 17.26
N TRP A 225 7.49 -2.28 15.98
CA TRP A 225 6.12 -1.95 15.59
C TRP A 225 5.72 -2.53 14.22
N ILE A 226 4.42 -2.55 13.97
CA ILE A 226 3.88 -3.07 12.72
C ILE A 226 2.58 -2.29 12.45
N PHE A 227 2.33 -1.99 11.18
CA PHE A 227 1.14 -1.23 10.79
C PHE A 227 0.23 -2.01 9.87
N GLN A 228 -1.00 -1.52 9.70
CA GLN A 228 -1.91 -2.10 8.72
C GLN A 228 -1.54 -1.17 7.56
N ASN A 229 -1.51 -1.67 6.33
CA ASN A 229 -1.12 -0.80 5.22
C ASN A 229 -2.22 -0.34 4.28
N ASP A 230 -1.84 0.27 3.16
CA ASP A 230 -2.82 0.77 2.22
C ASP A 230 -3.46 -0.32 1.34
N PHE A 231 -3.26 -1.56 1.73
CA PHE A 231 -3.86 -2.71 1.05
C PHE A 231 -4.58 -3.52 2.13
N SER A 232 -4.73 -2.89 3.29
CA SER A 232 -5.39 -3.49 4.46
C SER A 232 -4.63 -4.68 4.99
N GLY A 233 -3.40 -4.83 4.50
CA GLY A 233 -2.54 -5.92 4.92
C GLY A 233 -1.48 -5.42 5.89
N LEU A 234 -0.33 -6.10 5.93
CA LEU A 234 0.75 -5.73 6.83
C LEU A 234 1.76 -4.80 6.18
N GLY A 235 2.34 -3.91 6.98
CA GLY A 235 3.34 -3.00 6.45
C GLY A 235 4.21 -2.32 7.51
N MSE A 236 5.31 -1.73 7.05
CA MSE A 236 6.25 -1.00 7.89
C MSE A 236 6.70 -1.71 9.16
O MSE A 236 6.87 -1.09 10.21
CB MSE A 236 5.63 0.35 8.27
CG MSE A 236 5.42 1.26 7.09
SE MSE A 236 3.87 2.38 7.33
CE MSE A 236 2.56 1.11 6.64
N LEU A 237 6.91 -3.02 9.05
CA LEU A 237 7.36 -3.79 10.21
C LEU A 237 8.79 -3.41 10.52
N GLN A 238 9.11 -3.29 11.80
CA GLN A 238 10.48 -2.98 12.16
C GLN A 238 10.76 -3.21 13.64
N VAL A 239 11.97 -3.68 13.91
CA VAL A 239 12.43 -3.92 15.27
C VAL A 239 13.75 -3.18 15.44
N LEU A 240 13.84 -2.33 16.46
CA LEU A 240 15.05 -1.59 16.74
C LEU A 240 16.17 -2.60 17.02
N PRO A 241 17.40 -2.30 16.55
CA PRO A 241 18.53 -3.20 16.74
C PRO A 241 18.70 -3.76 18.15
N LYS A 242 18.54 -2.90 19.16
CA LYS A 242 18.69 -3.33 20.55
C LYS A 242 17.66 -4.36 21.01
N ALA A 243 16.73 -4.73 20.13
CA ALA A 243 15.71 -5.71 20.49
C ALA A 243 15.64 -6.83 19.45
N GLU A 244 16.61 -6.89 18.55
CA GLU A 244 16.64 -7.91 17.52
C GLU A 244 16.86 -9.31 18.08
N ARG A 245 16.48 -10.31 17.29
CA ARG A 245 16.62 -11.72 17.66
C ARG A 245 15.94 -12.12 18.98
N ARG A 246 14.75 -11.58 19.20
CA ARG A 246 13.98 -11.92 20.38
C ARG A 246 12.63 -12.47 19.90
N GLY A 247 12.56 -12.73 18.60
CA GLY A 247 11.35 -13.26 17.99
C GLY A 247 10.21 -12.26 17.90
N LEU A 248 10.50 -10.98 18.11
CA LEU A 248 9.46 -9.95 18.06
C LEU A 248 8.95 -9.69 16.64
N GLY A 249 9.84 -9.77 15.66
CA GLY A 249 9.43 -9.52 14.29
C GLY A 249 8.33 -10.48 13.87
N GLY A 250 8.53 -11.75 14.15
CA GLY A 250 7.54 -12.76 13.79
C GLY A 250 6.29 -12.63 14.65
N LEU A 251 6.46 -12.15 15.87
CA LEU A 251 5.33 -11.99 16.78
C LEU A 251 4.41 -10.88 16.25
N LEU A 252 4.99 -9.75 15.89
CA LEU A 252 4.19 -8.65 15.36
C LEU A 252 3.39 -9.11 14.15
N ALA A 253 4.09 -9.70 13.18
CA ALA A 253 3.40 -10.15 11.97
C ALA A 253 2.27 -11.14 12.25
N ALA A 254 2.47 -12.05 13.18
CA ALA A 254 1.42 -13.03 13.48
C ALA A 254 0.22 -12.32 14.12
N ALA A 255 0.50 -11.50 15.14
CA ALA A 255 -0.55 -10.78 15.85
C ALA A 255 -1.36 -9.87 14.92
N MSE A 256 -0.67 -9.04 14.15
CA MSE A 256 -1.38 -8.15 13.24
C MSE A 256 -2.24 -8.95 12.24
O MSE A 256 -3.37 -8.56 11.94
CB MSE A 256 -0.40 -7.25 12.48
CG MSE A 256 -1.08 -6.19 11.66
SE MSE A 256 -1.75 -4.73 12.78
CE MSE A 256 -3.50 -5.46 13.12
N SER A 257 -1.71 -10.04 11.71
CA SER A 257 -2.45 -10.88 10.74
C SER A 257 -3.76 -11.35 11.37
N ARG A 258 -3.67 -11.89 12.59
CA ARG A 258 -4.84 -12.35 13.32
C ARG A 258 -5.81 -11.20 13.58
N GLU A 259 -5.30 -10.11 14.15
CA GLU A 259 -6.16 -8.97 14.49
C GLU A 259 -6.92 -8.44 13.29
N ILE A 260 -6.25 -8.30 12.15
CA ILE A 260 -6.91 -7.78 10.97
C ILE A 260 -7.98 -8.75 10.50
N ALA A 261 -7.62 -10.02 10.39
CA ALA A 261 -8.56 -11.03 9.90
C ALA A 261 -9.80 -11.20 10.78
N ARG A 262 -9.66 -10.95 12.07
CA ARG A 262 -10.81 -11.12 12.94
C ARG A 262 -11.65 -9.85 13.05
N GLY A 263 -11.12 -8.75 12.52
CA GLY A 263 -11.83 -7.50 12.57
C GLY A 263 -12.49 -7.21 11.24
N GLU A 264 -12.02 -7.86 10.18
CA GLU A 264 -12.60 -7.62 8.87
C GLU A 264 -12.30 -8.80 7.97
N GLU A 265 -13.13 -8.98 6.95
CA GLU A 265 -12.93 -10.09 6.04
C GLU A 265 -12.15 -9.74 4.78
N ILE A 266 -10.85 -9.99 4.80
CA ILE A 266 -10.02 -9.78 3.62
C ILE A 266 -8.80 -10.66 3.70
N THR A 267 -8.18 -10.85 2.55
CA THR A 267 -6.96 -11.63 2.45
C THR A 267 -5.87 -10.79 3.09
N LEU A 268 -5.01 -11.40 3.89
CA LEU A 268 -3.92 -10.65 4.47
C LEU A 268 -2.79 -10.65 3.43
N THR A 269 -2.05 -9.56 3.32
CA THR A 269 -0.95 -9.52 2.36
C THR A 269 0.12 -8.61 2.91
N ALA A 270 1.25 -8.55 2.20
CA ALA A 270 2.35 -7.68 2.59
C ALA A 270 3.25 -7.45 1.40
N TRP A 271 3.70 -6.22 1.25
CA TRP A 271 4.61 -5.84 0.18
C TRP A 271 6.00 -5.72 0.77
N ILE A 272 6.94 -6.53 0.30
CA ILE A 272 8.31 -6.46 0.82
C ILE A 272 9.31 -6.40 -0.32
N VAL A 273 10.42 -5.71 -0.07
CA VAL A 273 11.50 -5.58 -1.05
C VAL A 273 12.02 -6.98 -1.30
N ALA A 274 12.29 -7.30 -2.56
CA ALA A 274 12.75 -8.64 -2.94
C ALA A 274 14.00 -9.12 -2.20
N THR A 275 14.80 -8.17 -1.73
CA THR A 275 16.03 -8.51 -1.03
C THR A 275 15.83 -8.61 0.48
N ASN A 276 14.61 -8.35 0.95
CA ASN A 276 14.35 -8.44 2.38
C ASN A 276 14.11 -9.92 2.69
N TRP A 277 15.17 -10.72 2.56
CA TRP A 277 15.08 -12.16 2.79
C TRP A 277 14.50 -12.51 4.15
N ARG A 278 14.86 -11.73 5.17
CA ARG A 278 14.38 -12.01 6.51
C ARG A 278 12.88 -11.82 6.68
N SER A 279 12.32 -10.78 6.10
CA SER A 279 10.87 -10.59 6.24
C SER A 279 10.12 -11.64 5.41
N GLU A 280 10.66 -11.99 4.26
CA GLU A 280 10.04 -13.03 3.42
C GLU A 280 10.01 -14.32 4.23
N ALA A 281 11.11 -14.61 4.91
CA ALA A 281 11.21 -15.82 5.69
C ALA A 281 10.24 -15.89 6.86
N LEU A 282 10.12 -14.82 7.64
CA LEU A 282 9.20 -14.84 8.78
C LEU A 282 7.75 -14.81 8.31
N LEU A 283 7.50 -14.20 7.16
CA LEU A 283 6.13 -14.17 6.66
C LEU A 283 5.76 -15.55 6.14
N LYS A 284 6.75 -16.21 5.57
CA LYS A 284 6.55 -17.54 5.03
C LYS A 284 6.25 -18.52 6.17
N ARG A 285 6.95 -18.38 7.28
CA ARG A 285 6.77 -19.26 8.44
C ARG A 285 5.35 -19.15 9.01
N ILE A 286 4.77 -17.96 8.90
CA ILE A 286 3.41 -17.75 9.39
C ILE A 286 2.42 -18.37 8.41
N GLY A 287 2.85 -18.54 7.15
CA GLY A 287 1.98 -19.14 6.15
C GLY A 287 1.83 -18.35 4.86
N TYR A 288 2.36 -17.13 4.83
CA TYR A 288 2.28 -16.27 3.64
C TYR A 288 3.00 -16.91 2.45
N GLN A 289 2.44 -16.75 1.25
CA GLN A 289 3.09 -17.28 0.07
C GLN A 289 3.32 -16.14 -0.91
N LYS A 290 4.35 -16.28 -1.74
CA LYS A 290 4.70 -15.28 -2.73
C LYS A 290 3.91 -15.53 -4.01
N ASP A 291 2.88 -14.75 -4.30
CA ASP A 291 2.19 -15.01 -5.54
C ASP A 291 2.13 -13.85 -6.51
N LEU A 292 2.96 -12.83 -6.26
CA LEU A 292 3.04 -11.67 -7.17
C LEU A 292 4.37 -10.93 -7.05
N VAL A 293 4.82 -10.37 -8.17
CA VAL A 293 6.04 -9.57 -8.20
C VAL A 293 5.70 -8.30 -8.96
N ASN A 294 5.88 -7.16 -8.32
CA ASN A 294 5.57 -5.87 -8.91
C ASN A 294 6.73 -4.93 -8.69
N GLU A 295 6.74 -3.82 -9.40
CA GLU A 295 7.81 -2.86 -9.22
C GLU A 295 7.25 -1.54 -8.68
N TRP A 296 8.07 -0.86 -7.91
CA TRP A 296 7.74 0.45 -7.38
C TRP A 296 8.76 1.30 -8.11
N ILE A 297 8.28 2.17 -9.00
CA ILE A 297 9.19 2.98 -9.78
C ILE A 297 9.20 4.44 -9.34
N LYS A 298 10.27 4.83 -8.67
CA LYS A 298 10.41 6.19 -8.20
C LYS A 298 11.13 7.02 -9.28
N LEU A 299 10.44 8.03 -9.80
CA LEU A 299 11.01 8.92 -10.82
C LEU A 299 11.69 10.08 -10.09
N VAL A 300 12.95 10.36 -10.45
CA VAL A 300 13.66 11.47 -9.80
C VAL A 300 13.28 12.81 -10.43
N PRO A 301 13.01 13.82 -9.61
CA PRO A 301 12.62 15.15 -10.12
C PRO A 301 13.67 15.70 -11.08
N ASN A 302 13.22 16.20 -12.23
CA ASN A 302 14.09 16.74 -13.26
C ASN A 302 15.46 17.22 -12.80
N SER A 303 15.53 18.44 -12.29
CA SER A 303 16.78 19.02 -11.81
C SER A 303 16.49 20.25 -10.96
#